data_1NKE
#
_entry.id   1NKE
#
_cell.length_a   88.294
_cell.length_b   94.322
_cell.length_c   105.685
_cell.angle_alpha   90.00
_cell.angle_beta   90.00
_cell.angle_gamma   90.00
#
_symmetry.space_group_name_H-M   'P 21 21 21'
#
loop_
_entity.id
_entity.type
_entity.pdbx_description
1 polymer 'DNA PRIMER STRAND'
2 polymer 'DNA TEMPLATE STRAND'
3 polymer 'DNA POLYMERASE I'
4 branched beta-D-fructofuranose-(2-1)-alpha-D-glucopyranose
5 non-polymer "2'-DEOXYCYTIDINE-5'-TRIPHOSPHATE"
6 non-polymer 'SULFATE ION'
7 non-polymer 'MAGNESIUM ION'
8 water water
#
loop_
_entity_poly.entity_id
_entity_poly.type
_entity_poly.pdbx_seq_one_letter_code
_entity_poly.pdbx_strand_id
1 'polydeoxyribonucleotide' (DG)(DC)(DG)(DA)(DT)(DC)(DA)(DG)(DC)(DC)(DC) B
2 'polydeoxyribonucleotide' (DG)(DT)(DA)(DC)(DG)(DT)(DG)(DC)(DT)(DG)(DA)(DT)(DC)(DG)(DC)(DA) C
3 'polypeptide(L)'
;AKMAFTLADRVTEEMLADKAALVVEVVEENYHDAPIVGIAVVNEHGRFFLRPETALADPQFVAWLGDETKKKSMFDSKRA
AVALKWKGIELCGVSFDLLLAAYLLDPAQGVDDVAAAAKMKQYEAVRPDEAVYGKGAKRAVPDEPVLAEHLVRKAAAIWE
LERPFLDELRRNEQDRLLVELEQPLSSILAEMEFAGVKVDTKRLEQMGKELAEQLGTVEQRIYELAGQEFNINSPKQLGV
ILFEKLQLPVLKKTKTGYSTSADVLEKLAPYHEIVENILHYRQLGKLQSTYIEGLLKVVRPDTKKVHTIFNQALTQTGRL
SSTEPNLQNIPIRLEEGRKIRQAFVPSESDWLIFAADYSQIELRVLAHIAEDDNLMEAFRRDLDIHTKTAMDIFQVSEDE
VTPNMRRQAKAVNFGIVYGISDYGLAQNLNISRKEAAEFIERYFESFPGVKRYMENIVQEAKQKGYVTTLLHRRRYLPDI
TSRNFNVRSFAERMAMNTPIQGSAADIIKKAMIDLNARLKEERLQAHLLLQVHDELILEAPKEEMERLCRLVPEVMEQAV
TLRVPLKVDYHYGSTWYDAK
;
A
#
loop_
_chem_comp.id
_chem_comp.type
_chem_comp.name
_chem_comp.formula
DA DNA linking 2'-DEOXYADENOSINE-5'-MONOPHOSPHATE 'C10 H14 N5 O6 P'
DC DNA linking 2'-DEOXYCYTIDINE-5'-MONOPHOSPHATE 'C9 H14 N3 O7 P'
DCP non-polymer 2'-DEOXYCYTIDINE-5'-TRIPHOSPHATE 'C9 H16 N3 O13 P3'
DG DNA linking 2'-DEOXYGUANOSINE-5'-MONOPHOSPHATE 'C10 H14 N5 O7 P'
DT DNA linking THYMIDINE-5'-MONOPHOSPHATE 'C10 H15 N2 O8 P'
FRU D-saccharide, beta linking beta-D-fructofuranose 'C6 H12 O6'
GLC D-saccharide, alpha linking alpha-D-glucopyranose 'C6 H12 O6'
MG non-polymer 'MAGNESIUM ION' 'Mg 2'
SO4 non-polymer 'SULFATE ION' 'O4 S -2'
#
# COMPACT_ATOMS: atom_id res chain seq x y z
N ALA C 1 -31.90 -24.68 -0.81
CA ALA C 1 -32.16 -25.30 -2.13
C ALA C 1 -30.88 -25.34 -2.97
N LYS C 2 -30.30 -26.53 -3.07
CA LYS C 2 -29.06 -26.73 -3.82
C LYS C 2 -29.10 -26.06 -5.20
N MET C 3 -27.93 -25.68 -5.70
CA MET C 3 -27.83 -25.04 -7.01
C MET C 3 -27.41 -26.09 -8.02
N ALA C 4 -28.09 -26.09 -9.17
CA ALA C 4 -27.79 -27.05 -10.22
C ALA C 4 -26.56 -26.69 -11.02
N PHE C 5 -25.82 -27.71 -11.41
CA PHE C 5 -24.61 -27.53 -12.20
C PHE C 5 -24.06 -28.86 -12.67
N THR C 6 -23.22 -28.81 -13.70
CA THR C 6 -22.61 -29.99 -14.26
C THR C 6 -21.19 -30.17 -13.73
N LEU C 7 -20.93 -31.31 -13.10
CA LEU C 7 -19.59 -31.61 -12.60
C LEU C 7 -18.99 -32.38 -13.77
N ALA C 8 -18.38 -31.65 -14.70
CA ALA C 8 -17.79 -32.22 -15.91
C ALA C 8 -16.47 -32.95 -15.76
N ASP C 9 -16.29 -33.99 -16.57
CA ASP C 9 -15.06 -34.79 -16.57
C ASP C 9 -14.20 -34.35 -17.75
N ARG C 10 -14.80 -33.60 -18.67
CA ARG C 10 -14.09 -33.11 -19.85
C ARG C 10 -14.61 -31.73 -20.23
N VAL C 11 -13.79 -30.98 -20.96
CA VAL C 11 -14.16 -29.63 -21.39
C VAL C 11 -14.94 -29.69 -22.70
N THR C 12 -16.06 -28.96 -22.74
CA THR C 12 -16.89 -28.91 -23.94
C THR C 12 -16.98 -27.50 -24.50
N GLU C 13 -17.35 -27.39 -25.77
CA GLU C 13 -17.47 -26.10 -26.45
C GLU C 13 -18.44 -25.16 -25.72
N GLU C 14 -19.45 -25.75 -25.08
CA GLU C 14 -20.46 -24.99 -24.36
C GLU C 14 -19.84 -24.15 -23.23
N MET C 15 -18.75 -24.66 -22.68
CA MET C 15 -18.05 -23.99 -21.59
C MET C 15 -17.14 -22.85 -22.05
N LEU C 16 -16.99 -22.70 -23.36
CA LEU C 16 -16.10 -21.66 -23.89
C LEU C 16 -16.80 -20.52 -24.63
N ALA C 17 -17.92 -20.04 -24.09
CA ALA C 17 -18.66 -18.92 -24.69
C ALA C 17 -17.84 -17.65 -24.56
N ASP C 18 -18.18 -16.61 -25.32
CA ASP C 18 -17.42 -15.37 -25.27
C ASP C 18 -17.76 -14.42 -24.12
N LYS C 19 -18.54 -14.91 -23.17
CA LYS C 19 -18.92 -14.12 -21.98
C LYS C 19 -19.20 -15.10 -20.86
N ALA C 20 -18.52 -14.94 -19.73
CA ALA C 20 -18.72 -15.85 -18.62
C ALA C 20 -18.16 -15.38 -17.28
N ALA C 21 -18.74 -15.89 -16.20
CA ALA C 21 -18.24 -15.61 -14.86
C ALA C 21 -17.27 -16.78 -14.67
N LEU C 22 -16.04 -16.48 -14.26
CA LEU C 22 -15.04 -17.51 -14.07
C LEU C 22 -14.44 -17.51 -12.67
N VAL C 23 -14.29 -18.71 -12.10
CA VAL C 23 -13.68 -18.87 -10.79
C VAL C 23 -12.50 -19.84 -10.93
N VAL C 24 -11.31 -19.37 -10.56
CA VAL C 24 -10.09 -20.19 -10.57
C VAL C 24 -9.63 -20.07 -9.13
N GLU C 25 -10.08 -21.02 -8.31
CA GLU C 25 -9.83 -21.01 -6.88
C GLU C 25 -8.45 -21.35 -6.34
N VAL C 26 -7.87 -20.39 -5.62
CA VAL C 26 -6.57 -20.57 -4.96
C VAL C 26 -6.84 -20.28 -3.49
N VAL C 27 -6.82 -21.33 -2.68
CA VAL C 27 -7.12 -21.21 -1.26
C VAL C 27 -6.00 -20.64 -0.38
N GLU C 28 -4.75 -21.00 -0.69
CA GLU C 28 -3.63 -20.48 0.09
C GLU C 28 -3.65 -18.96 0.03
N GLU C 29 -3.49 -18.29 1.19
CA GLU C 29 -3.51 -16.84 1.21
C GLU C 29 -2.44 -16.26 0.30
N ASN C 30 -1.25 -16.84 0.34
CA ASN C 30 -0.17 -16.39 -0.52
C ASN C 30 -0.28 -17.25 -1.78
N TYR C 31 -0.75 -16.65 -2.87
CA TYR C 31 -0.96 -17.39 -4.10
C TYR C 31 0.22 -17.70 -5.01
N HIS C 32 1.42 -17.27 -4.63
CA HIS C 32 2.60 -17.51 -5.48
C HIS C 32 2.96 -19.00 -5.52
N ASP C 33 2.97 -19.56 -6.74
CA ASP C 33 3.28 -20.96 -6.98
C ASP C 33 2.38 -21.85 -6.12
N ALA C 34 1.14 -21.39 -5.91
CA ALA C 34 0.17 -22.12 -5.09
C ALA C 34 -0.80 -22.96 -5.91
N PRO C 35 -1.40 -23.98 -5.29
CA PRO C 35 -2.35 -24.87 -5.97
C PRO C 35 -3.66 -24.22 -6.38
N ILE C 36 -4.17 -24.64 -7.54
CA ILE C 36 -5.48 -24.19 -8.00
C ILE C 36 -6.32 -25.43 -7.66
N VAL C 37 -7.25 -25.29 -6.72
CA VAL C 37 -8.05 -26.43 -6.26
C VAL C 37 -9.34 -26.76 -7.03
N GLY C 38 -9.78 -25.85 -7.87
CA GLY C 38 -11.01 -26.09 -8.62
C GLY C 38 -11.33 -24.94 -9.54
N ILE C 39 -12.20 -25.20 -10.51
CA ILE C 39 -12.60 -24.19 -11.49
C ILE C 39 -14.11 -24.25 -11.71
N ALA C 40 -14.72 -23.09 -11.87
CA ALA C 40 -16.15 -23.02 -12.13
C ALA C 40 -16.41 -21.98 -13.21
N VAL C 41 -17.37 -22.27 -14.07
CA VAL C 41 -17.73 -21.38 -15.16
C VAL C 41 -19.25 -21.27 -15.23
N VAL C 42 -19.75 -20.05 -15.33
CA VAL C 42 -21.19 -19.84 -15.47
C VAL C 42 -21.36 -18.93 -16.68
N ASN C 43 -22.16 -19.38 -17.64
CA ASN C 43 -22.40 -18.58 -18.84
C ASN C 43 -23.84 -18.79 -19.31
N GLU C 44 -24.16 -18.32 -20.50
CA GLU C 44 -25.52 -18.44 -21.02
C GLU C 44 -25.99 -19.89 -21.17
N HIS C 45 -25.05 -20.82 -21.25
CA HIS C 45 -25.38 -22.23 -21.43
C HIS C 45 -25.59 -23.03 -20.15
N GLY C 46 -25.12 -22.49 -19.02
CA GLY C 46 -25.29 -23.20 -17.77
C GLY C 46 -24.18 -22.95 -16.76
N ARG C 47 -24.09 -23.82 -15.77
CA ARG C 47 -23.08 -23.72 -14.72
C ARG C 47 -22.23 -24.98 -14.76
N PHE C 48 -20.91 -24.82 -14.71
CA PHE C 48 -20.03 -25.99 -14.76
C PHE C 48 -18.89 -25.98 -13.73
N PHE C 49 -18.51 -27.17 -13.28
CA PHE C 49 -17.39 -27.34 -12.37
C PHE C 49 -16.38 -28.20 -13.11
N LEU C 50 -15.11 -27.80 -13.08
CA LEU C 50 -14.05 -28.54 -13.73
C LEU C 50 -12.88 -28.76 -12.79
N ARG C 51 -12.33 -29.97 -12.81
CA ARG C 51 -11.18 -30.26 -11.96
C ARG C 51 -9.99 -29.58 -12.64
N PRO C 52 -9.10 -28.96 -11.85
CA PRO C 52 -7.94 -28.26 -12.42
C PRO C 52 -7.01 -29.10 -13.29
N GLU C 53 -6.64 -30.28 -12.82
CA GLU C 53 -5.74 -31.13 -13.59
C GLU C 53 -6.31 -31.41 -14.98
N THR C 54 -7.63 -31.35 -15.10
CA THR C 54 -8.32 -31.60 -16.35
C THR C 54 -8.37 -30.37 -17.26
N ALA C 55 -8.96 -29.28 -16.76
CA ALA C 55 -9.10 -28.06 -17.53
C ALA C 55 -7.77 -27.45 -17.96
N LEU C 56 -6.83 -27.34 -17.02
CA LEU C 56 -5.54 -26.75 -17.30
C LEU C 56 -4.65 -27.54 -18.24
N ALA C 57 -5.05 -28.76 -18.56
CA ALA C 57 -4.29 -29.61 -19.47
C ALA C 57 -5.00 -29.65 -20.81
N ASP C 58 -6.19 -29.06 -20.85
CA ASP C 58 -6.98 -29.02 -22.07
C ASP C 58 -6.56 -27.85 -22.96
N PRO C 59 -6.06 -28.15 -24.17
CA PRO C 59 -5.60 -27.13 -25.12
C PRO C 59 -6.67 -26.07 -25.43
N GLN C 60 -7.91 -26.52 -25.60
CA GLN C 60 -9.00 -25.59 -25.89
C GLN C 60 -9.28 -24.66 -24.71
N PHE C 61 -9.30 -25.21 -23.50
CA PHE C 61 -9.56 -24.39 -22.33
C PHE C 61 -8.46 -23.35 -22.12
N VAL C 62 -7.21 -23.78 -22.25
CA VAL C 62 -6.08 -22.87 -22.08
C VAL C 62 -6.16 -21.75 -23.12
N ALA C 63 -6.53 -22.09 -24.35
CA ALA C 63 -6.64 -21.09 -25.40
C ALA C 63 -7.76 -20.10 -25.08
N TRP C 64 -8.86 -20.61 -24.52
CA TRP C 64 -9.99 -19.76 -24.16
C TRP C 64 -9.56 -18.77 -23.07
N LEU C 65 -8.82 -19.26 -22.08
CA LEU C 65 -8.33 -18.42 -20.99
C LEU C 65 -7.48 -17.26 -21.51
N GLY C 66 -6.62 -17.55 -22.48
CA GLY C 66 -5.75 -16.53 -23.03
C GLY C 66 -6.27 -15.66 -24.17
N ASP C 67 -7.52 -15.89 -24.58
CA ASP C 67 -8.14 -15.13 -25.67
C ASP C 67 -8.80 -13.88 -25.10
N GLU C 68 -8.27 -12.71 -25.43
CA GLU C 68 -8.81 -11.45 -24.95
C GLU C 68 -10.21 -11.11 -25.47
N THR C 69 -10.65 -11.78 -26.52
CA THR C 69 -11.97 -11.52 -27.07
C THR C 69 -13.04 -12.32 -26.32
N LYS C 70 -12.60 -13.25 -25.48
CA LYS C 70 -13.51 -14.07 -24.68
C LYS C 70 -13.52 -13.38 -23.31
N LYS C 71 -14.60 -12.67 -23.00
CA LYS C 71 -14.70 -11.92 -21.76
C LYS C 71 -15.05 -12.71 -20.49
N LYS C 72 -14.32 -12.44 -19.42
CA LYS C 72 -14.54 -13.09 -18.15
C LYS C 72 -14.84 -12.09 -17.02
N SER C 73 -15.75 -12.47 -16.13
CA SER C 73 -16.10 -11.68 -14.97
C SER C 73 -15.60 -12.50 -13.79
N MET C 74 -14.82 -11.88 -12.90
CA MET C 74 -14.23 -12.60 -11.78
C MET C 74 -14.19 -11.79 -10.49
N PHE C 75 -13.67 -12.41 -9.43
CA PHE C 75 -13.46 -11.76 -8.14
C PHE C 75 -11.97 -11.99 -7.80
N ASP C 76 -11.20 -10.91 -7.75
CA ASP C 76 -9.75 -10.96 -7.46
C ASP C 76 -9.05 -11.69 -8.60
N SER C 77 -9.13 -11.11 -9.79
CA SER C 77 -8.52 -11.72 -10.96
C SER C 77 -6.99 -11.78 -10.86
N LYS C 78 -6.39 -10.88 -10.09
CA LYS C 78 -4.92 -10.88 -9.95
C LYS C 78 -4.45 -12.18 -9.32
N ARG C 79 -5.17 -12.64 -8.30
CA ARG C 79 -4.81 -13.89 -7.62
C ARG C 79 -4.78 -15.05 -8.63
N ALA C 80 -5.83 -15.15 -9.44
CA ALA C 80 -5.91 -16.20 -10.45
C ALA C 80 -4.83 -16.02 -11.53
N ALA C 81 -4.66 -14.79 -11.99
CA ALA C 81 -3.67 -14.51 -13.03
C ALA C 81 -2.27 -14.90 -12.58
N VAL C 82 -1.90 -14.56 -11.35
CA VAL C 82 -0.57 -14.90 -10.86
C VAL C 82 -0.39 -16.41 -10.67
N ALA C 83 -1.38 -17.07 -10.07
CA ALA C 83 -1.30 -18.52 -9.87
C ALA C 83 -1.13 -19.20 -11.22
N LEU C 84 -1.81 -18.67 -12.23
CA LEU C 84 -1.69 -19.23 -13.58
C LEU C 84 -0.33 -18.93 -14.22
N LYS C 85 0.23 -17.74 -13.95
CA LYS C 85 1.54 -17.38 -14.49
C LYS C 85 2.59 -18.39 -14.01
N TRP C 86 2.49 -18.81 -12.76
CA TRP C 86 3.44 -19.77 -12.22
C TRP C 86 3.32 -21.13 -12.92
N LYS C 87 2.19 -21.36 -13.58
CA LYS C 87 1.96 -22.61 -14.30
C LYS C 87 2.18 -22.43 -15.80
N GLY C 88 2.64 -21.25 -16.20
CA GLY C 88 2.89 -20.97 -17.60
C GLY C 88 1.65 -20.72 -18.43
N ILE C 89 0.57 -20.29 -17.78
CA ILE C 89 -0.69 -20.04 -18.46
C ILE C 89 -1.10 -18.57 -18.37
N GLU C 90 -1.44 -17.97 -19.51
CA GLU C 90 -1.84 -16.57 -19.56
C GLU C 90 -3.36 -16.37 -19.46
N LEU C 91 -3.79 -15.47 -18.59
CA LEU C 91 -5.21 -15.18 -18.41
C LEU C 91 -5.47 -13.80 -19.02
N CYS C 92 -6.37 -13.74 -20.00
CA CYS C 92 -6.70 -12.48 -20.67
C CYS C 92 -8.21 -12.30 -20.74
N GLY C 93 -8.64 -11.11 -21.13
CA GLY C 93 -10.06 -10.85 -21.28
C GLY C 93 -10.90 -10.58 -20.04
N VAL C 94 -10.26 -10.31 -18.90
CA VAL C 94 -11.04 -10.03 -17.71
C VAL C 94 -11.63 -8.63 -17.86
N SER C 95 -12.95 -8.56 -18.07
CA SER C 95 -13.60 -7.27 -18.24
C SER C 95 -14.28 -6.72 -16.99
N PHE C 96 -14.40 -7.56 -15.96
CA PHE C 96 -15.03 -7.12 -14.71
C PHE C 96 -14.46 -7.88 -13.50
N ASP C 97 -14.04 -7.13 -12.48
CA ASP C 97 -13.49 -7.72 -11.26
C ASP C 97 -14.35 -7.22 -10.09
N LEU C 98 -15.16 -8.11 -9.54
CA LEU C 98 -16.07 -7.76 -8.44
C LEU C 98 -15.39 -7.21 -7.19
N LEU C 99 -14.19 -7.70 -6.88
CA LEU C 99 -13.46 -7.21 -5.70
C LEU C 99 -13.12 -5.73 -5.86
N LEU C 100 -12.56 -5.38 -7.01
CA LEU C 100 -12.20 -4.00 -7.28
C LEU C 100 -13.45 -3.12 -7.39
N ALA C 101 -14.53 -3.66 -7.95
CA ALA C 101 -15.78 -2.90 -8.07
C ALA C 101 -16.34 -2.58 -6.69
N ALA C 102 -16.36 -3.58 -5.81
CA ALA C 102 -16.85 -3.39 -4.46
C ALA C 102 -15.95 -2.41 -3.70
N TYR C 103 -14.65 -2.52 -3.91
CA TYR C 103 -13.67 -1.64 -3.26
C TYR C 103 -13.91 -0.17 -3.60
N LEU C 104 -14.18 0.11 -4.87
CA LEU C 104 -14.41 1.50 -5.31
C LEU C 104 -15.75 2.04 -4.78
N LEU C 105 -16.77 1.18 -4.71
CA LEU C 105 -18.08 1.63 -4.22
C LEU C 105 -18.02 2.02 -2.75
N ASP C 106 -17.22 1.31 -1.96
CA ASP C 106 -17.09 1.63 -0.55
C ASP C 106 -15.94 0.84 0.09
N PRO C 107 -14.75 1.45 0.14
CA PRO C 107 -13.55 0.84 0.71
C PRO C 107 -13.72 0.43 2.18
N ALA C 108 -14.64 1.10 2.88
CA ALA C 108 -14.87 0.82 4.29
C ALA C 108 -15.54 -0.51 4.60
N GLN C 109 -16.23 -1.10 3.62
CA GLN C 109 -16.89 -2.37 3.86
C GLN C 109 -15.92 -3.51 4.11
N GLY C 110 -14.68 -3.34 3.68
CA GLY C 110 -13.67 -4.37 3.87
C GLY C 110 -14.00 -5.66 3.16
N VAL C 111 -14.63 -5.55 2.00
CA VAL C 111 -14.99 -6.74 1.23
C VAL C 111 -13.76 -7.57 0.89
N ASP C 112 -13.76 -8.83 1.31
CA ASP C 112 -12.62 -9.72 1.02
C ASP C 112 -13.03 -11.08 0.47
N ASP C 113 -14.33 -11.25 0.19
CA ASP C 113 -14.80 -12.47 -0.45
C ASP C 113 -16.08 -12.16 -1.20
N VAL C 114 -16.46 -13.06 -2.10
CA VAL C 114 -17.66 -12.85 -2.90
C VAL C 114 -18.92 -12.63 -2.06
N ALA C 115 -19.07 -13.41 -1.00
CA ALA C 115 -20.26 -13.27 -0.15
C ALA C 115 -20.42 -11.86 0.40
N ALA C 116 -19.31 -11.25 0.81
CA ALA C 116 -19.35 -9.90 1.37
C ALA C 116 -19.78 -8.88 0.31
N ALA C 117 -19.32 -9.08 -0.92
CA ALA C 117 -19.69 -8.17 -2.00
C ALA C 117 -21.17 -8.36 -2.31
N ALA C 118 -21.59 -9.61 -2.42
CA ALA C 118 -22.98 -9.92 -2.72
C ALA C 118 -23.95 -9.35 -1.69
N LYS C 119 -23.53 -9.31 -0.42
CA LYS C 119 -24.41 -8.81 0.64
C LYS C 119 -24.73 -7.33 0.43
N MET C 120 -23.86 -6.62 -0.30
CA MET C 120 -24.08 -5.20 -0.58
C MET C 120 -25.34 -5.00 -1.41
N LYS C 121 -25.73 -6.01 -2.17
CA LYS C 121 -26.92 -5.94 -3.01
C LYS C 121 -28.00 -6.95 -2.59
N GLN C 122 -28.02 -7.29 -1.31
CA GLN C 122 -29.00 -8.22 -0.75
C GLN C 122 -29.02 -9.60 -1.42
N TYR C 123 -27.87 -10.06 -1.91
CA TYR C 123 -27.75 -11.38 -2.53
C TYR C 123 -27.05 -12.24 -1.47
N GLU C 124 -27.71 -13.31 -1.04
CA GLU C 124 -27.12 -14.15 0.00
C GLU C 124 -27.09 -15.65 -0.30
N ALA C 125 -27.21 -16.00 -1.57
CA ALA C 125 -27.18 -17.41 -1.99
C ALA C 125 -25.76 -17.90 -2.24
N VAL C 126 -24.84 -17.52 -1.35
CA VAL C 126 -23.45 -17.93 -1.44
C VAL C 126 -22.86 -17.80 -0.03
N ARG C 127 -22.03 -18.76 0.35
CA ARG C 127 -21.41 -18.78 1.68
C ARG C 127 -20.08 -18.03 1.73
N PRO C 128 -19.71 -17.52 2.92
CA PRO C 128 -18.44 -16.79 3.08
C PRO C 128 -17.34 -17.84 2.95
N ASP C 129 -16.19 -17.47 2.38
CA ASP C 129 -15.09 -18.42 2.21
C ASP C 129 -14.68 -19.06 3.55
N GLU C 130 -14.60 -18.26 4.60
CA GLU C 130 -14.20 -18.77 5.91
C GLU C 130 -15.12 -19.88 6.41
N ALA C 131 -16.40 -19.78 6.07
CA ALA C 131 -17.36 -20.79 6.50
C ALA C 131 -17.09 -22.12 5.79
N VAL C 132 -16.63 -22.06 4.56
CA VAL C 132 -16.35 -23.27 3.78
C VAL C 132 -14.97 -23.87 4.08
N TYR C 133 -13.95 -23.03 4.12
CA TYR C 133 -12.57 -23.47 4.34
C TYR C 133 -12.07 -23.43 5.78
N GLY C 134 -12.80 -22.73 6.65
CA GLY C 134 -12.37 -22.62 8.04
C GLY C 134 -11.22 -21.64 8.10
N LYS C 135 -10.52 -21.56 9.23
CA LYS C 135 -9.39 -20.64 9.36
C LYS C 135 -8.32 -21.18 10.30
N GLY C 136 -7.12 -20.60 10.20
CA GLY C 136 -6.02 -21.03 11.04
C GLY C 136 -5.62 -22.48 10.85
N ALA C 137 -5.29 -23.14 11.96
CA ALA C 137 -4.87 -24.55 11.92
C ALA C 137 -5.96 -25.46 11.37
N LYS C 138 -7.21 -24.99 11.42
CA LYS C 138 -8.33 -25.78 10.93
C LYS C 138 -8.62 -25.57 9.45
N ARG C 139 -7.92 -24.61 8.83
CA ARG C 139 -8.10 -24.31 7.42
C ARG C 139 -7.93 -25.60 6.63
N ALA C 140 -8.75 -25.80 5.61
CA ALA C 140 -8.67 -27.00 4.79
C ALA C 140 -9.66 -26.98 3.63
N VAL C 141 -9.27 -27.60 2.52
CA VAL C 141 -10.14 -27.70 1.35
C VAL C 141 -11.10 -28.85 1.62
N PRO C 142 -12.42 -28.61 1.47
CA PRO C 142 -13.43 -29.65 1.70
C PRO C 142 -13.53 -30.64 0.55
N ASP C 143 -14.31 -31.70 0.75
CA ASP C 143 -14.51 -32.74 -0.26
C ASP C 143 -15.12 -32.13 -1.53
N GLU C 144 -14.87 -32.76 -2.66
CA GLU C 144 -15.35 -32.28 -3.96
C GLU C 144 -16.79 -31.78 -4.04
N PRO C 145 -17.75 -32.53 -3.47
CA PRO C 145 -19.15 -32.10 -3.53
C PRO C 145 -19.38 -30.73 -2.88
N VAL C 146 -18.74 -30.49 -1.75
CA VAL C 146 -18.87 -29.23 -1.03
C VAL C 146 -18.11 -28.13 -1.77
N LEU C 147 -16.89 -28.44 -2.20
CA LEU C 147 -16.06 -27.48 -2.92
C LEU C 147 -16.74 -27.03 -4.22
N ALA C 148 -17.18 -28.01 -5.01
CA ALA C 148 -17.82 -27.70 -6.28
C ALA C 148 -19.05 -26.81 -6.16
N GLU C 149 -19.91 -27.08 -5.19
CA GLU C 149 -21.11 -26.25 -5.03
C GLU C 149 -20.73 -24.82 -4.65
N HIS C 150 -19.72 -24.69 -3.79
CA HIS C 150 -19.28 -23.37 -3.35
C HIS C 150 -18.72 -22.57 -4.52
N LEU C 151 -17.81 -23.16 -5.30
CA LEU C 151 -17.24 -22.43 -6.43
C LEU C 151 -18.30 -22.05 -7.45
N VAL C 152 -19.27 -22.95 -7.68
CA VAL C 152 -20.34 -22.64 -8.63
C VAL C 152 -21.23 -21.50 -8.10
N ARG C 153 -21.49 -21.51 -6.79
CA ARG C 153 -22.31 -20.45 -6.19
C ARG C 153 -21.58 -19.10 -6.29
N LYS C 154 -20.25 -19.11 -6.19
CA LYS C 154 -19.49 -17.88 -6.29
C LYS C 154 -19.55 -17.34 -7.72
N ALA C 155 -19.43 -18.25 -8.69
CA ALA C 155 -19.48 -17.87 -10.10
C ALA C 155 -20.88 -17.34 -10.42
N ALA C 156 -21.90 -17.98 -9.84
CA ALA C 156 -23.28 -17.58 -10.06
C ALA C 156 -23.52 -16.18 -9.52
N ALA C 157 -22.98 -15.88 -8.34
CA ALA C 157 -23.15 -14.55 -7.76
C ALA C 157 -22.48 -13.50 -8.64
N ILE C 158 -21.27 -13.79 -9.10
CA ILE C 158 -20.54 -12.85 -9.95
C ILE C 158 -21.36 -12.57 -11.23
N TRP C 159 -21.91 -13.62 -11.81
CA TRP C 159 -22.71 -13.53 -13.03
C TRP C 159 -23.91 -12.61 -12.83
N GLU C 160 -24.57 -12.74 -11.68
CA GLU C 160 -25.74 -11.93 -11.35
C GLU C 160 -25.43 -10.50 -10.91
N LEU C 161 -24.33 -10.34 -10.19
CA LEU C 161 -23.95 -9.03 -9.65
C LEU C 161 -23.25 -8.02 -10.55
N GLU C 162 -22.71 -8.48 -11.69
CA GLU C 162 -22.00 -7.58 -12.59
C GLU C 162 -22.80 -6.34 -12.99
N ARG C 163 -24.01 -6.53 -13.50
CA ARG C 163 -24.81 -5.39 -13.93
C ARG C 163 -25.17 -4.40 -12.82
N PRO C 164 -25.68 -4.87 -11.67
CA PRO C 164 -26.01 -3.91 -10.61
C PRO C 164 -24.79 -3.13 -10.12
N PHE C 165 -23.64 -3.78 -10.03
CA PHE C 165 -22.44 -3.07 -9.59
C PHE C 165 -21.99 -2.05 -10.63
N LEU C 166 -21.98 -2.43 -11.89
CA LEU C 166 -21.59 -1.51 -12.95
C LEU C 166 -22.57 -0.33 -13.00
N ASP C 167 -23.85 -0.60 -12.77
CA ASP C 167 -24.85 0.48 -12.79
C ASP C 167 -24.59 1.50 -11.68
N GLU C 168 -24.28 1.04 -10.47
CA GLU C 168 -24.02 1.97 -9.37
C GLU C 168 -22.72 2.73 -9.61
N LEU C 169 -21.70 2.05 -10.13
CA LEU C 169 -20.45 2.72 -10.42
C LEU C 169 -20.72 3.83 -11.44
N ARG C 170 -21.56 3.54 -12.42
CA ARG C 170 -21.87 4.54 -13.44
C ARG C 170 -22.57 5.76 -12.81
N ARG C 171 -23.49 5.50 -11.90
CA ARG C 171 -24.22 6.58 -11.22
C ARG C 171 -23.24 7.42 -10.40
N ASN C 172 -22.21 6.77 -9.84
CA ASN C 172 -21.19 7.47 -9.04
C ASN C 172 -20.13 8.11 -9.91
N GLU C 173 -20.21 7.91 -11.22
CA GLU C 173 -19.21 8.43 -12.16
C GLU C 173 -17.86 7.81 -11.84
N GLN C 174 -17.89 6.50 -11.55
CA GLN C 174 -16.69 5.73 -11.24
C GLN C 174 -16.46 4.57 -12.20
N ASP C 175 -17.28 4.44 -13.25
CA ASP C 175 -17.08 3.31 -14.16
C ASP C 175 -15.73 3.36 -14.90
N ARG C 176 -15.26 4.54 -15.27
CA ARG C 176 -13.97 4.65 -15.95
C ARG C 176 -12.84 4.38 -14.94
N LEU C 177 -13.05 4.74 -13.69
CA LEU C 177 -12.05 4.49 -12.65
C LEU C 177 -11.81 2.96 -12.58
N LEU C 178 -12.88 2.19 -12.66
CA LEU C 178 -12.74 0.73 -12.64
C LEU C 178 -12.12 0.16 -13.92
N VAL C 179 -12.73 0.49 -15.05
CA VAL C 179 -12.32 -0.02 -16.34
C VAL C 179 -11.02 0.51 -16.95
N GLU C 180 -10.71 1.77 -16.73
CA GLU C 180 -9.50 2.38 -17.29
C GLU C 180 -8.33 2.51 -16.32
N LEU C 181 -8.59 2.39 -15.01
CA LEU C 181 -7.50 2.53 -14.04
C LEU C 181 -7.23 1.26 -13.19
N GLU C 182 -8.14 0.92 -12.29
CA GLU C 182 -7.91 -0.24 -11.43
C GLU C 182 -7.75 -1.60 -12.12
N GLN C 183 -8.61 -1.94 -13.07
CA GLN C 183 -8.48 -3.24 -13.72
C GLN C 183 -7.19 -3.34 -14.56
N PRO C 184 -6.86 -2.30 -15.36
CA PRO C 184 -5.61 -2.43 -16.11
C PRO C 184 -4.43 -2.49 -15.15
N LEU C 185 -4.52 -1.74 -14.04
CA LEU C 185 -3.44 -1.75 -13.05
C LEU C 185 -3.27 -3.12 -12.43
N SER C 186 -4.38 -3.82 -12.23
CA SER C 186 -4.34 -5.16 -11.64
C SER C 186 -3.42 -6.08 -12.44
N SER C 187 -3.49 -5.98 -13.76
CA SER C 187 -2.64 -6.81 -14.62
C SER C 187 -1.17 -6.43 -14.48
N ILE C 188 -0.90 -5.14 -14.30
CA ILE C 188 0.48 -4.67 -14.14
C ILE C 188 1.06 -5.14 -12.82
N LEU C 189 0.26 -5.09 -11.76
CA LEU C 189 0.72 -5.54 -10.45
C LEU C 189 1.02 -7.04 -10.51
N ALA C 190 0.20 -7.79 -11.23
CA ALA C 190 0.39 -9.24 -11.36
C ALA C 190 1.77 -9.53 -11.97
N GLU C 191 2.13 -8.74 -12.98
CA GLU C 191 3.43 -8.89 -13.64
C GLU C 191 4.57 -8.58 -12.67
N MET C 192 4.42 -7.50 -11.90
CA MET C 192 5.44 -7.08 -10.95
C MET C 192 5.66 -8.15 -9.87
N GLU C 193 4.56 -8.65 -9.32
CA GLU C 193 4.61 -9.66 -8.27
C GLU C 193 5.28 -10.93 -8.76
N PHE C 194 4.87 -11.37 -9.95
CA PHE C 194 5.42 -12.58 -10.57
C PHE C 194 6.91 -12.43 -10.84
N ALA C 195 7.33 -11.26 -11.32
CA ALA C 195 8.73 -11.00 -11.62
C ALA C 195 9.59 -11.13 -10.37
N GLY C 196 9.11 -10.51 -9.29
CA GLY C 196 9.82 -10.56 -8.03
C GLY C 196 11.06 -9.69 -8.02
N VAL C 197 11.72 -9.63 -6.87
CA VAL C 197 12.94 -8.85 -6.72
C VAL C 197 14.05 -9.77 -6.21
N LYS C 198 15.19 -9.74 -6.88
CA LYS C 198 16.33 -10.57 -6.51
C LYS C 198 16.96 -10.07 -5.22
N VAL C 199 17.31 -11.01 -4.34
CA VAL C 199 17.92 -10.67 -3.07
C VAL C 199 19.30 -11.30 -2.93
N ASP C 200 20.26 -10.52 -2.44
CA ASP C 200 21.62 -11.00 -2.21
C ASP C 200 21.58 -11.59 -0.80
N THR C 201 21.22 -12.86 -0.69
CA THR C 201 21.12 -13.49 0.62
C THR C 201 22.45 -13.54 1.37
N LYS C 202 23.55 -13.71 0.65
CA LYS C 202 24.86 -13.75 1.29
C LYS C 202 25.08 -12.44 2.03
N ARG C 203 24.78 -11.34 1.36
CA ARG C 203 24.93 -10.01 1.96
C ARG C 203 24.09 -9.90 3.23
N LEU C 204 22.82 -10.33 3.15
CA LEU C 204 21.93 -10.27 4.31
C LEU C 204 22.46 -11.10 5.47
N GLU C 205 22.93 -12.32 5.16
CA GLU C 205 23.45 -13.21 6.20
C GLU C 205 24.68 -12.62 6.89
N GLN C 206 25.52 -11.92 6.13
CA GLN C 206 26.72 -11.32 6.70
C GLN C 206 26.34 -10.20 7.66
N MET C 207 25.37 -9.39 7.26
CA MET C 207 24.90 -8.30 8.12
C MET C 207 24.32 -8.92 9.38
N GLY C 208 23.58 -10.01 9.20
CA GLY C 208 22.97 -10.70 10.32
C GLY C 208 23.97 -11.10 11.39
N LYS C 209 25.12 -11.60 10.98
CA LYS C 209 26.12 -12.02 11.97
C LYS C 209 26.77 -10.82 12.65
N GLU C 210 26.86 -9.69 11.94
CA GLU C 210 27.42 -8.48 12.50
C GLU C 210 26.54 -8.00 13.65
N LEU C 211 25.23 -7.97 13.39
CA LEU C 211 24.25 -7.53 14.38
C LEU C 211 24.21 -8.48 15.57
N ALA C 212 24.27 -9.79 15.30
CA ALA C 212 24.24 -10.77 16.36
C ALA C 212 25.34 -10.48 17.38
N GLU C 213 26.50 -10.06 16.87
CA GLU C 213 27.63 -9.74 17.73
C GLU C 213 27.40 -8.44 18.47
N GLN C 214 26.95 -7.41 17.76
CA GLN C 214 26.69 -6.13 18.38
C GLN C 214 25.60 -6.21 19.44
N LEU C 215 24.55 -6.99 19.16
CA LEU C 215 23.45 -7.16 20.12
C LEU C 215 23.95 -7.85 21.39
N GLY C 216 24.88 -8.78 21.21
CA GLY C 216 25.42 -9.50 22.36
C GLY C 216 26.19 -8.60 23.30
N THR C 217 26.91 -7.64 22.74
CA THR C 217 27.71 -6.71 23.55
C THR C 217 26.79 -5.76 24.30
N VAL C 218 25.84 -5.16 23.60
CA VAL C 218 24.90 -4.22 24.21
C VAL C 218 24.00 -4.94 25.21
N GLU C 219 23.61 -6.17 24.89
CA GLU C 219 22.75 -6.94 25.77
C GLU C 219 23.41 -7.15 27.14
N GLN C 220 24.67 -7.56 27.12
CA GLN C 220 25.40 -7.79 28.37
C GLN C 220 25.59 -6.50 29.15
N ARG C 221 25.85 -5.41 28.43
CA ARG C 221 26.05 -4.11 29.06
C ARG C 221 24.78 -3.68 29.78
N ILE C 222 23.64 -3.97 29.17
CA ILE C 222 22.35 -3.62 29.76
C ILE C 222 22.18 -4.37 31.09
N TYR C 223 22.47 -5.66 31.09
CA TYR C 223 22.35 -6.45 32.31
C TYR C 223 23.31 -5.90 33.34
N GLU C 224 24.47 -5.44 32.86
CA GLU C 224 25.50 -4.87 33.72
C GLU C 224 24.97 -3.61 34.39
N LEU C 225 24.47 -2.68 33.58
CA LEU C 225 23.95 -1.43 34.10
C LEU C 225 22.69 -1.60 34.94
N ALA C 226 21.99 -2.73 34.74
CA ALA C 226 20.77 -3.01 35.48
C ALA C 226 21.05 -3.87 36.72
N GLY C 227 22.21 -4.50 36.76
CA GLY C 227 22.56 -5.33 37.90
C GLY C 227 21.90 -6.69 37.91
N GLN C 228 21.28 -7.06 36.78
CA GLN C 228 20.61 -8.35 36.66
C GLN C 228 20.16 -8.57 35.22
N GLU C 229 19.78 -9.80 34.91
CA GLU C 229 19.33 -10.13 33.57
C GLU C 229 17.80 -10.21 33.53
N PHE C 230 17.23 -9.73 32.43
CA PHE C 230 15.79 -9.74 32.23
C PHE C 230 15.52 -9.73 30.74
N ASN C 231 14.27 -9.87 30.33
CA ASN C 231 13.93 -9.87 28.92
C ASN C 231 13.68 -8.43 28.46
N ILE C 232 14.66 -7.87 27.76
CA ILE C 232 14.54 -6.50 27.26
C ILE C 232 13.35 -6.35 26.33
N ASN C 233 13.08 -7.37 25.53
CA ASN C 233 11.96 -7.35 24.57
C ASN C 233 10.60 -7.37 25.26
N SER C 234 10.61 -7.38 26.59
CA SER C 234 9.38 -7.39 27.36
C SER C 234 9.14 -6.02 28.00
N PRO C 235 8.24 -5.22 27.43
CA PRO C 235 7.98 -3.89 27.99
C PRO C 235 7.61 -4.02 29.48
N LYS C 236 6.97 -5.13 29.81
CA LYS C 236 6.55 -5.41 31.17
C LYS C 236 7.76 -5.50 32.10
N GLN C 237 8.70 -6.37 31.77
CA GLN C 237 9.91 -6.57 32.57
C GLN C 237 10.82 -5.35 32.52
N LEU C 238 10.88 -4.72 31.35
CA LEU C 238 11.72 -3.55 31.15
C LEU C 238 11.22 -2.42 32.06
N GLY C 239 9.90 -2.25 32.10
CA GLY C 239 9.31 -1.22 32.92
C GLY C 239 9.67 -1.35 34.39
N VAL C 240 9.63 -2.57 34.89
CA VAL C 240 9.98 -2.84 36.29
C VAL C 240 11.41 -2.38 36.58
N ILE C 241 12.32 -2.72 35.67
CA ILE C 241 13.73 -2.36 35.83
C ILE C 241 13.92 -0.85 35.83
N LEU C 242 13.29 -0.16 34.87
CA LEU C 242 13.44 1.28 34.74
C LEU C 242 12.70 2.17 35.73
N PHE C 243 11.42 1.89 35.94
CA PHE C 243 10.61 2.74 36.82
C PHE C 243 10.47 2.28 38.26
N GLU C 244 11.00 1.12 38.58
CA GLU C 244 10.94 0.60 39.94
C GLU C 244 12.34 0.43 40.51
N LYS C 245 13.17 -0.40 39.87
CA LYS C 245 14.52 -0.63 40.37
C LYS C 245 15.43 0.61 40.23
N LEU C 246 15.36 1.28 39.08
CA LEU C 246 16.19 2.46 38.85
C LEU C 246 15.50 3.78 39.16
N GLN C 247 14.22 3.70 39.53
CA GLN C 247 13.46 4.89 39.91
C GLN C 247 13.35 6.01 38.89
N LEU C 248 13.47 5.71 37.60
CA LEU C 248 13.34 6.75 36.60
C LEU C 248 11.93 7.32 36.63
N PRO C 249 11.77 8.62 36.35
CA PRO C 249 10.44 9.23 36.37
C PRO C 249 9.50 8.71 35.28
N VAL C 250 8.23 8.57 35.64
CA VAL C 250 7.20 8.10 34.70
C VAL C 250 6.61 9.32 34.01
N LEU C 251 6.99 9.53 32.76
CA LEU C 251 6.51 10.67 31.99
C LEU C 251 5.28 10.34 31.18
N LYS C 252 5.04 9.05 30.96
CA LYS C 252 3.89 8.61 30.19
C LYS C 252 3.57 7.14 30.44
N LYS C 253 2.29 6.83 30.53
CA LYS C 253 1.86 5.46 30.76
C LYS C 253 1.05 4.92 29.60
N THR C 254 0.80 3.62 29.63
CA THR C 254 0.02 2.95 28.61
C THR C 254 -1.16 2.31 29.32
N LYS C 255 -2.15 1.85 28.56
CA LYS C 255 -3.32 1.22 29.14
C LYS C 255 -2.94 0.10 30.12
N THR C 256 -1.91 -0.66 29.76
CA THR C 256 -1.45 -1.77 30.59
C THR C 256 -0.47 -1.40 31.70
N GLY C 257 0.44 -0.45 31.43
CA GLY C 257 1.41 -0.06 32.44
C GLY C 257 2.30 1.11 32.07
N TYR C 258 3.60 0.94 32.23
CA TYR C 258 4.56 1.99 31.91
C TYR C 258 4.92 2.00 30.42
N SER C 259 5.10 3.19 29.87
CA SER C 259 5.49 3.33 28.48
C SER C 259 7.01 3.24 28.37
N THR C 260 7.49 2.57 27.33
CA THR C 260 8.93 2.41 27.11
C THR C 260 9.27 2.75 25.66
N SER C 261 8.39 3.50 25.02
CA SER C 261 8.58 3.92 23.64
C SER C 261 9.84 4.75 23.48
N ALA C 262 10.43 4.70 22.29
CA ALA C 262 11.65 5.45 22.00
C ALA C 262 11.53 6.93 22.38
N ASP C 263 10.38 7.52 22.05
CA ASP C 263 10.14 8.93 22.36
C ASP C 263 10.32 9.23 23.84
N VAL C 264 9.81 8.33 24.69
CA VAL C 264 9.92 8.50 26.13
C VAL C 264 11.35 8.26 26.61
N LEU C 265 11.95 7.17 26.15
CA LEU C 265 13.31 6.82 26.55
C LEU C 265 14.29 7.96 26.30
N GLU C 266 14.20 8.58 25.13
CA GLU C 266 15.07 9.70 24.78
C GLU C 266 15.09 10.73 25.90
N LYS C 267 13.92 11.01 26.45
CA LYS C 267 13.79 11.99 27.54
C LYS C 267 14.42 11.51 28.86
N LEU C 268 14.51 10.19 29.03
CA LEU C 268 15.06 9.62 30.24
C LEU C 268 16.57 9.38 30.17
N ALA C 269 17.13 9.50 28.97
CA ALA C 269 18.56 9.29 28.76
C ALA C 269 19.46 10.04 29.74
N PRO C 270 19.15 11.31 30.01
CA PRO C 270 19.99 12.09 30.94
C PRO C 270 20.10 11.50 32.35
N TYR C 271 19.08 10.73 32.76
CA TYR C 271 19.07 10.15 34.10
C TYR C 271 19.91 8.91 34.34
N HIS C 272 20.05 8.05 33.33
CA HIS C 272 20.81 6.83 33.51
C HIS C 272 21.39 6.29 32.20
N GLU C 273 22.63 5.82 32.26
CA GLU C 273 23.35 5.28 31.11
C GLU C 273 22.65 4.09 30.46
N ILE C 274 21.85 3.37 31.23
CA ILE C 274 21.17 2.20 30.70
C ILE C 274 20.21 2.57 29.56
N VAL C 275 19.60 3.75 29.64
CA VAL C 275 18.65 4.19 28.64
C VAL C 275 19.22 4.23 27.22
N GLU C 276 20.43 4.77 27.09
CA GLU C 276 21.08 4.85 25.79
C GLU C 276 21.26 3.46 25.19
N ASN C 277 21.71 2.51 26.01
CA ASN C 277 21.93 1.15 25.55
C ASN C 277 20.62 0.44 25.17
N ILE C 278 19.52 0.81 25.83
CA ILE C 278 18.22 0.21 25.52
C ILE C 278 17.78 0.69 24.15
N LEU C 279 18.05 1.96 23.86
CA LEU C 279 17.70 2.54 22.57
C LEU C 279 18.50 1.88 21.46
N HIS C 280 19.78 1.64 21.72
CA HIS C 280 20.64 1.01 20.73
C HIS C 280 20.17 -0.42 20.48
N TYR C 281 19.86 -1.12 21.57
CA TYR C 281 19.38 -2.50 21.50
C TYR C 281 18.11 -2.58 20.65
N ARG C 282 17.21 -1.64 20.88
CA ARG C 282 15.94 -1.57 20.15
C ARG C 282 16.21 -1.37 18.65
N GLN C 283 17.23 -0.57 18.35
CA GLN C 283 17.58 -0.30 16.95
C GLN C 283 18.10 -1.54 16.24
N LEU C 284 19.08 -2.20 16.85
CA LEU C 284 19.68 -3.39 16.27
C LEU C 284 18.68 -4.54 16.20
N GLY C 285 17.97 -4.78 17.31
CA GLY C 285 17.00 -5.84 17.37
C GLY C 285 15.91 -5.74 16.33
N LYS C 286 15.50 -4.51 16.01
CA LYS C 286 14.47 -4.28 15.01
C LYS C 286 14.98 -4.74 13.65
N LEU C 287 16.23 -4.39 13.34
CA LEU C 287 16.83 -4.77 12.07
C LEU C 287 17.05 -6.27 11.97
N GLN C 288 17.53 -6.88 13.05
CA GLN C 288 17.80 -8.31 13.06
C GLN C 288 16.53 -9.12 12.85
N SER C 289 15.59 -9.01 13.78
CA SER C 289 14.35 -9.75 13.73
C SER C 289 13.41 -9.44 12.56
N THR C 290 13.23 -8.16 12.25
CA THR C 290 12.32 -7.77 11.18
C THR C 290 12.88 -7.74 9.76
N TYR C 291 14.03 -7.10 9.56
CA TYR C 291 14.58 -6.98 8.21
C TYR C 291 15.63 -7.99 7.76
N ILE C 292 16.22 -8.72 8.69
CA ILE C 292 17.21 -9.71 8.30
C ILE C 292 16.55 -11.09 8.31
N GLU C 293 16.15 -11.54 9.49
CA GLU C 293 15.51 -12.83 9.64
C GLU C 293 14.15 -12.88 8.93
N GLY C 294 13.39 -11.80 9.06
CA GLY C 294 12.08 -11.74 8.43
C GLY C 294 12.11 -11.78 6.92
N LEU C 295 13.10 -11.12 6.31
CA LEU C 295 13.22 -11.09 4.87
C LEU C 295 13.74 -12.43 4.35
N LEU C 296 14.72 -13.00 5.05
CA LEU C 296 15.30 -14.28 4.66
C LEU C 296 14.26 -15.41 4.69
N LYS C 297 13.25 -15.27 5.54
CA LYS C 297 12.21 -16.29 5.65
C LYS C 297 11.32 -16.40 4.41
N VAL C 298 11.18 -15.31 3.67
CA VAL C 298 10.31 -15.33 2.49
C VAL C 298 11.02 -15.34 1.14
N VAL C 299 12.35 -15.41 1.15
CA VAL C 299 13.09 -15.47 -0.11
C VAL C 299 12.91 -16.89 -0.64
N ARG C 300 12.74 -17.03 -1.96
CA ARG C 300 12.58 -18.36 -2.57
C ARG C 300 14.00 -18.92 -2.74
N PRO C 301 14.28 -20.08 -2.12
CA PRO C 301 15.58 -20.76 -2.17
C PRO C 301 16.15 -21.03 -3.56
N ASP C 302 15.29 -21.41 -4.48
CA ASP C 302 15.72 -21.71 -5.84
C ASP C 302 16.15 -20.49 -6.65
N THR C 303 15.36 -19.43 -6.62
CA THR C 303 15.66 -18.23 -7.41
C THR C 303 16.22 -17.06 -6.60
N LYS C 304 16.16 -17.15 -5.28
CA LYS C 304 16.64 -16.09 -4.40
C LYS C 304 15.89 -14.78 -4.63
N LYS C 305 14.60 -14.89 -4.96
CA LYS C 305 13.77 -13.71 -5.17
C LYS C 305 12.66 -13.63 -4.11
N VAL C 306 12.12 -12.44 -3.90
CA VAL C 306 10.99 -12.27 -3.00
C VAL C 306 9.85 -11.82 -3.92
N HIS C 307 8.67 -12.41 -3.71
CA HIS C 307 7.50 -12.09 -4.52
C HIS C 307 6.44 -11.52 -3.59
N THR C 308 6.42 -10.21 -3.44
CA THR C 308 5.44 -9.55 -2.57
C THR C 308 4.05 -9.68 -3.18
N ILE C 309 3.04 -9.34 -2.40
CA ILE C 309 1.67 -9.33 -2.91
C ILE C 309 1.13 -7.95 -2.60
N PHE C 310 0.74 -7.22 -3.63
CA PHE C 310 0.20 -5.88 -3.45
C PHE C 310 -1.31 -5.97 -3.23
N ASN C 311 -1.77 -5.55 -2.05
CA ASN C 311 -3.20 -5.58 -1.79
C ASN C 311 -3.79 -4.32 -2.41
N GLN C 312 -4.50 -4.50 -3.52
CA GLN C 312 -5.09 -3.39 -4.27
C GLN C 312 -6.47 -2.94 -3.74
N ALA C 313 -7.05 -3.71 -2.82
CA ALA C 313 -8.38 -3.37 -2.32
C ALA C 313 -8.46 -3.33 -0.80
N LEU C 314 -7.57 -2.55 -0.18
CA LEU C 314 -7.54 -2.47 1.27
C LEU C 314 -7.61 -1.08 1.89
N THR C 315 -6.69 -0.19 1.51
CA THR C 315 -6.65 1.15 2.10
C THR C 315 -7.86 2.03 1.79
N GLN C 316 -8.22 2.85 2.76
CA GLN C 316 -9.38 3.73 2.64
C GLN C 316 -9.06 4.96 1.79
N THR C 317 -7.81 5.14 1.40
CA THR C 317 -7.40 6.30 0.59
C THR C 317 -7.08 6.00 -0.87
N GLY C 318 -6.94 4.73 -1.23
CA GLY C 318 -6.63 4.40 -2.62
C GLY C 318 -5.20 3.96 -2.81
N ARG C 319 -4.42 4.01 -1.74
N ARG C 319 -4.40 4.03 -1.75
CA ARG C 319 -3.02 3.58 -1.80
CA ARG C 319 -3.01 3.61 -1.83
C ARG C 319 -2.95 2.06 -1.88
C ARG C 319 -2.93 2.08 -1.84
N LEU C 320 -1.82 1.54 -2.32
CA LEU C 320 -1.62 0.10 -2.38
C LEU C 320 -0.95 -0.26 -1.04
N SER C 321 -0.99 -1.53 -0.65
CA SER C 321 -0.28 -1.96 0.55
C SER C 321 0.51 -3.18 0.07
N SER C 322 1.56 -3.55 0.81
CA SER C 322 2.42 -4.67 0.41
C SER C 322 2.63 -5.66 1.55
N THR C 323 2.61 -6.95 1.23
CA THR C 323 2.81 -7.98 2.25
C THR C 323 3.66 -9.17 1.79
N GLU C 324 4.24 -9.86 2.77
CA GLU C 324 5.04 -11.06 2.54
C GLU C 324 5.99 -11.05 1.36
N PRO C 325 6.99 -10.17 1.38
CA PRO C 325 7.24 -9.21 2.45
C PRO C 325 6.67 -7.83 2.17
N ASN C 326 6.60 -7.01 3.21
CA ASN C 326 6.15 -5.64 3.05
C ASN C 326 7.39 -4.93 2.55
N LEU C 327 7.42 -4.58 1.27
CA LEU C 327 8.58 -3.91 0.71
C LEU C 327 8.36 -2.40 0.63
N GLN C 328 7.39 -1.92 1.40
CA GLN C 328 7.09 -0.49 1.42
C GLN C 328 7.58 0.16 2.70
N ASN C 329 8.31 -0.59 3.52
CA ASN C 329 8.81 -0.03 4.77
C ASN C 329 10.25 -0.46 5.06
N ILE C 330 11.04 -0.63 4.00
CA ILE C 330 12.44 -1.00 4.15
C ILE C 330 13.16 0.25 4.66
N PRO C 331 13.98 0.12 5.71
CA PRO C 331 14.70 1.26 6.29
C PRO C 331 15.46 2.14 5.30
N ILE C 332 15.55 3.43 5.60
CA ILE C 332 16.26 4.36 4.74
C ILE C 332 16.70 5.62 5.50
N ARG C 333 15.87 6.04 6.47
CA ARG C 333 16.15 7.23 7.27
C ARG C 333 17.48 7.15 8.03
N LEU C 334 17.69 6.02 8.71
CA LEU C 334 18.93 5.83 9.46
C LEU C 334 19.89 5.04 8.59
N GLU C 335 21.15 5.47 8.55
CA GLU C 335 22.18 4.82 7.73
C GLU C 335 22.40 3.35 8.04
N GLU C 336 22.36 2.99 9.33
CA GLU C 336 22.55 1.61 9.73
C GLU C 336 21.54 0.68 9.07
N GLY C 337 20.27 1.05 9.16
CA GLY C 337 19.22 0.24 8.57
C GLY C 337 19.15 0.41 7.06
N ARG C 338 19.57 1.57 6.57
CA ARG C 338 19.54 1.84 5.14
C ARG C 338 20.39 0.82 4.37
N LYS C 339 21.47 0.36 5.00
CA LYS C 339 22.35 -0.61 4.37
C LYS C 339 21.62 -1.88 3.94
N ILE C 340 20.44 -2.11 4.52
CA ILE C 340 19.62 -3.27 4.19
C ILE C 340 19.31 -3.30 2.70
N ARG C 341 19.13 -2.11 2.12
CA ARG C 341 18.81 -2.01 0.70
C ARG C 341 19.88 -2.48 -0.26
N GLN C 342 21.10 -2.68 0.25
CA GLN C 342 22.18 -3.16 -0.61
C GLN C 342 21.89 -4.61 -0.99
N ALA C 343 21.00 -5.25 -0.23
CA ALA C 343 20.63 -6.65 -0.45
C ALA C 343 19.66 -6.84 -1.62
N PHE C 344 19.04 -5.77 -2.07
CA PHE C 344 18.09 -5.84 -3.18
C PHE C 344 18.85 -5.47 -4.45
N VAL C 345 18.98 -6.43 -5.36
CA VAL C 345 19.75 -6.26 -6.57
C VAL C 345 19.00 -6.61 -7.86
N PRO C 346 19.59 -6.28 -9.03
CA PRO C 346 18.97 -6.58 -10.33
C PRO C 346 18.90 -8.09 -10.50
N SER C 347 17.90 -8.56 -11.26
CA SER C 347 17.74 -10.00 -11.46
C SER C 347 18.61 -10.59 -12.56
N GLU C 348 19.30 -9.73 -13.31
CA GLU C 348 20.18 -10.20 -14.39
C GLU C 348 21.52 -9.51 -14.33
N SER C 349 22.53 -10.16 -14.89
CA SER C 349 23.87 -9.59 -14.90
C SER C 349 23.89 -8.39 -15.84
N ASP C 350 24.60 -7.34 -15.43
CA ASP C 350 24.72 -6.13 -16.22
C ASP C 350 23.43 -5.31 -16.31
N TRP C 351 22.55 -5.53 -15.34
CA TRP C 351 21.28 -4.79 -15.24
C TRP C 351 21.45 -3.88 -14.03
N LEU C 352 20.63 -2.84 -13.94
CA LEU C 352 20.72 -1.91 -12.82
C LEU C 352 19.34 -1.55 -12.29
N ILE C 353 19.30 -0.98 -11.08
CA ILE C 353 18.05 -0.56 -10.44
C ILE C 353 17.85 0.94 -10.73
N PHE C 354 16.65 1.30 -11.17
CA PHE C 354 16.29 2.70 -11.47
C PHE C 354 15.12 3.07 -10.57
N ALA C 355 15.23 4.17 -9.84
CA ALA C 355 14.14 4.60 -8.96
C ALA C 355 13.76 6.04 -9.26
N ALA C 356 12.46 6.31 -9.35
CA ALA C 356 11.97 7.67 -9.62
C ALA C 356 10.88 7.98 -8.61
N ASP C 357 10.98 9.16 -7.98
CA ASP C 357 10.01 9.56 -6.97
C ASP C 357 9.46 10.97 -7.19
N TYR C 358 8.18 11.15 -6.90
CA TYR C 358 7.57 12.47 -7.01
C TYR C 358 8.07 13.32 -5.85
N SER C 359 8.37 14.58 -6.13
CA SER C 359 8.82 15.50 -5.11
C SER C 359 7.61 16.28 -4.59
N GLN C 360 7.28 16.08 -3.31
CA GLN C 360 6.16 16.75 -2.65
C GLN C 360 4.84 16.66 -3.41
N ILE C 361 4.48 15.48 -3.91
CA ILE C 361 3.25 15.38 -4.67
C ILE C 361 1.98 15.75 -3.88
N GLU C 362 1.94 15.42 -2.59
N GLU C 362 1.97 15.42 -2.58
CA GLU C 362 0.77 15.74 -1.77
CA GLU C 362 0.83 15.72 -1.72
C GLU C 362 0.57 17.25 -1.64
C GLU C 362 0.58 17.23 -1.63
N LEU C 363 1.64 17.98 -1.34
CA LEU C 363 1.51 19.44 -1.22
C LEU C 363 1.19 20.09 -2.56
N ARG C 364 1.67 19.52 -3.65
CA ARG C 364 1.36 20.07 -4.99
C ARG C 364 -0.12 19.81 -5.29
N VAL C 365 -0.60 18.64 -4.89
CA VAL C 365 -2.01 18.31 -5.09
C VAL C 365 -2.86 19.29 -4.27
N LEU C 366 -2.44 19.57 -3.04
CA LEU C 366 -3.17 20.51 -2.18
C LEU C 366 -3.22 21.90 -2.84
N ALA C 367 -2.09 22.33 -3.41
CA ALA C 367 -2.02 23.63 -4.07
C ALA C 367 -3.07 23.68 -5.18
N HIS C 368 -3.14 22.60 -5.94
CA HIS C 368 -4.09 22.46 -7.05
C HIS C 368 -5.55 22.49 -6.61
N ILE C 369 -5.93 21.61 -5.68
CA ILE C 369 -7.33 21.55 -5.25
C ILE C 369 -7.82 22.76 -4.46
N ALA C 370 -6.93 23.38 -3.69
CA ALA C 370 -7.30 24.55 -2.90
C ALA C 370 -7.16 25.84 -3.72
N GLU C 371 -6.42 25.77 -4.82
CA GLU C 371 -6.18 26.95 -5.66
C GLU C 371 -5.64 28.08 -4.79
N ASP C 372 -4.70 27.75 -3.93
CA ASP C 372 -4.10 28.74 -3.06
C ASP C 372 -3.03 29.49 -3.87
N ASP C 373 -3.23 30.78 -4.05
CA ASP C 373 -2.29 31.59 -4.83
C ASP C 373 -0.85 31.55 -4.34
N ASN C 374 -0.64 31.63 -3.02
CA ASN C 374 0.69 31.62 -2.44
C ASN C 374 1.37 30.26 -2.62
N LEU C 375 0.66 29.18 -2.34
CA LEU C 375 1.24 27.84 -2.47
C LEU C 375 1.49 27.48 -3.94
N MET C 376 0.59 27.86 -4.84
CA MET C 376 0.79 27.56 -6.25
C MET C 376 2.02 28.32 -6.78
N GLU C 377 2.17 29.58 -6.38
CA GLU C 377 3.32 30.37 -6.82
C GLU C 377 4.62 29.74 -6.30
N ALA C 378 4.59 29.26 -5.06
CA ALA C 378 5.77 28.63 -4.47
C ALA C 378 6.22 27.45 -5.33
N PHE C 379 5.29 26.60 -5.74
CA PHE C 379 5.67 25.46 -6.56
C PHE C 379 6.03 25.86 -8.00
N ARG C 380 5.45 26.95 -8.50
CA ARG C 380 5.78 27.39 -9.86
C ARG C 380 7.24 27.88 -9.89
N ARG C 381 7.73 28.34 -8.74
CA ARG C 381 9.12 28.80 -8.62
C ARG C 381 10.00 27.64 -8.17
N ASP C 382 9.38 26.48 -7.93
CA ASP C 382 10.09 25.28 -7.45
C ASP C 382 10.94 25.59 -6.21
N LEU C 383 10.35 26.33 -5.28
CA LEU C 383 11.03 26.72 -4.05
C LEU C 383 11.09 25.55 -3.07
N ASP C 384 11.99 25.64 -2.09
CA ASP C 384 12.06 24.62 -1.05
C ASP C 384 10.80 24.95 -0.23
N ILE C 385 9.80 24.08 -0.29
CA ILE C 385 8.54 24.34 0.39
C ILE C 385 8.60 24.50 1.91
N HIS C 386 9.52 23.79 2.58
CA HIS C 386 9.59 23.91 4.03
C HIS C 386 10.21 25.25 4.43
N THR C 387 11.22 25.68 3.69
CA THR C 387 11.89 26.95 3.96
C THR C 387 10.88 28.07 3.69
N LYS C 388 10.13 27.94 2.60
CA LYS C 388 9.11 28.93 2.25
C LYS C 388 8.03 29.04 3.33
N THR C 389 7.59 27.91 3.85
CA THR C 389 6.57 27.90 4.89
C THR C 389 7.10 28.58 6.15
N ALA C 390 8.37 28.33 6.45
CA ALA C 390 9.01 28.94 7.61
C ALA C 390 9.05 30.45 7.46
N MET C 391 9.46 30.92 6.28
CA MET C 391 9.51 32.36 6.03
C MET C 391 8.16 33.01 6.30
N ASP C 392 7.10 32.36 5.83
CA ASP C 392 5.76 32.89 5.99
C ASP C 392 5.19 32.84 7.41
N ILE C 393 5.21 31.67 8.05
CA ILE C 393 4.65 31.60 9.40
C ILE C 393 5.47 32.33 10.45
N PHE C 394 6.78 32.45 10.24
CA PHE C 394 7.64 33.14 11.21
C PHE C 394 7.99 34.56 10.79
N GLN C 395 7.49 34.98 9.63
CA GLN C 395 7.69 36.33 9.10
C GLN C 395 9.16 36.77 9.02
N VAL C 396 9.98 35.96 8.36
CA VAL C 396 11.40 36.30 8.21
C VAL C 396 11.83 36.09 6.76
N SER C 397 13.03 36.57 6.42
CA SER C 397 13.57 36.42 5.08
C SER C 397 14.20 35.04 4.96
N GLU C 398 14.49 34.62 3.73
CA GLU C 398 15.08 33.30 3.52
C GLU C 398 16.37 33.12 4.33
N ASP C 399 17.21 34.16 4.34
CA ASP C 399 18.47 34.11 5.08
C ASP C 399 18.29 33.95 6.58
N GLU C 400 17.14 34.37 7.10
CA GLU C 400 16.90 34.30 8.53
C GLU C 400 16.27 32.99 8.99
N VAL C 401 16.01 32.08 8.08
CA VAL C 401 15.44 30.79 8.46
C VAL C 401 16.53 29.90 9.04
N THR C 402 16.39 29.56 10.31
CA THR C 402 17.36 28.70 10.97
C THR C 402 16.97 27.24 10.78
N PRO C 403 17.90 26.30 11.03
CA PRO C 403 17.59 24.88 10.86
C PRO C 403 16.37 24.46 11.69
N ASN C 404 16.27 24.93 12.93
CA ASN C 404 15.13 24.56 13.77
C ASN C 404 13.80 25.12 13.23
N MET C 405 13.85 26.31 12.66
CA MET C 405 12.64 26.92 12.09
C MET C 405 12.14 26.07 10.92
N ARG C 406 13.07 25.61 10.08
CA ARG C 406 12.68 24.78 8.94
C ARG C 406 12.10 23.46 9.43
N ARG C 407 12.72 22.89 10.46
CA ARG C 407 12.25 21.62 11.01
C ARG C 407 10.81 21.75 11.50
N GLN C 408 10.50 22.84 12.19
CA GLN C 408 9.14 23.01 12.69
C GLN C 408 8.16 23.34 11.57
N ALA C 409 8.62 24.04 10.54
CA ALA C 409 7.74 24.37 9.41
C ALA C 409 7.42 23.09 8.66
N LYS C 410 8.38 22.18 8.59
CA LYS C 410 8.18 20.92 7.90
C LYS C 410 7.13 20.10 8.65
N ALA C 411 7.16 20.17 9.98
CA ALA C 411 6.20 19.43 10.79
C ALA C 411 4.80 19.97 10.55
N VAL C 412 4.69 21.29 10.42
CA VAL C 412 3.41 21.94 10.17
C VAL C 412 2.87 21.49 8.81
N ASN C 413 3.76 21.36 7.82
CA ASN C 413 3.33 20.94 6.50
C ASN C 413 2.81 19.51 6.48
N PHE C 414 3.44 18.62 7.26
CA PHE C 414 3.00 17.24 7.31
C PHE C 414 1.62 17.16 7.97
N GLY C 415 1.44 17.92 9.04
CA GLY C 415 0.16 17.92 9.72
C GLY C 415 -0.93 18.39 8.80
N ILE C 416 -0.72 19.55 8.17
CA ILE C 416 -1.68 20.13 7.24
C ILE C 416 -2.26 19.08 6.30
N VAL C 417 -1.39 18.25 5.73
CA VAL C 417 -1.82 17.22 4.81
C VAL C 417 -2.55 16.10 5.55
N TYR C 418 -1.90 15.56 6.57
CA TYR C 418 -2.46 14.47 7.38
C TYR C 418 -3.49 14.94 8.40
N GLY C 419 -4.42 15.78 7.96
CA GLY C 419 -5.45 16.29 8.85
C GLY C 419 -4.88 16.99 10.06
N ILE C 420 -4.72 18.31 9.95
CA ILE C 420 -4.17 19.12 11.02
C ILE C 420 -4.99 19.06 12.30
N SER C 421 -4.30 19.17 13.44
CA SER C 421 -4.93 19.14 14.76
C SER C 421 -3.98 19.78 15.77
N ASP C 422 -4.49 20.74 16.55
CA ASP C 422 -3.66 21.41 17.53
C ASP C 422 -3.24 20.47 18.66
N TYR C 423 -3.41 19.17 18.44
CA TYR C 423 -3.03 18.17 19.43
C TYR C 423 -1.93 17.26 18.88
N GLY C 424 -2.12 16.81 17.64
CA GLY C 424 -1.13 15.94 17.02
C GLY C 424 0.17 16.66 16.70
N LEU C 425 0.06 17.94 16.37
CA LEU C 425 1.24 18.74 16.05
C LEU C 425 2.10 18.93 17.30
N ALA C 426 1.49 19.45 18.35
CA ALA C 426 2.18 19.69 19.62
C ALA C 426 2.92 18.45 20.08
N GLN C 427 2.21 17.33 20.13
CA GLN C 427 2.80 16.06 20.54
C GLN C 427 4.01 15.73 19.68
N ASN C 428 3.91 16.07 18.39
CA ASN C 428 4.99 15.80 17.45
C ASN C 428 6.17 16.76 17.61
N LEU C 429 5.89 18.00 17.95
CA LEU C 429 6.94 19.00 18.13
C LEU C 429 7.37 19.16 19.58
N ASN C 430 6.86 18.29 20.45
CA ASN C 430 7.18 18.35 21.87
C ASN C 430 6.86 19.74 22.41
N ILE C 431 5.66 20.23 22.10
CA ILE C 431 5.22 21.53 22.56
C ILE C 431 3.77 21.43 23.04
N SER C 432 3.17 22.55 23.43
CA SER C 432 1.80 22.56 23.91
C SER C 432 0.80 22.81 22.79
N ARG C 433 -0.49 22.61 23.09
CA ARG C 433 -1.54 22.83 22.11
C ARG C 433 -1.67 24.30 21.77
N LYS C 434 -1.78 25.14 22.79
CA LYS C 434 -1.92 26.58 22.59
C LYS C 434 -0.86 27.05 21.61
N GLU C 435 0.36 26.56 21.77
CA GLU C 435 1.47 26.91 20.90
C GLU C 435 1.26 26.36 19.50
N ALA C 436 1.05 25.04 19.43
CA ALA C 436 0.83 24.37 18.15
C ALA C 436 -0.31 25.06 17.39
N ALA C 437 -1.36 25.42 18.12
CA ALA C 437 -2.50 26.09 17.50
C ALA C 437 -2.08 27.45 16.96
N GLU C 438 -1.09 28.06 17.60
CA GLU C 438 -0.58 29.36 17.17
C GLU C 438 0.11 29.22 15.82
N PHE C 439 0.81 28.11 15.64
CA PHE C 439 1.50 27.84 14.37
C PHE C 439 0.49 27.66 13.26
N ILE C 440 -0.57 26.91 13.58
CA ILE C 440 -1.64 26.60 12.63
C ILE C 440 -2.35 27.86 12.15
N GLU C 441 -2.69 28.75 13.09
CA GLU C 441 -3.36 29.99 12.75
C GLU C 441 -2.47 30.83 11.83
N ARG C 442 -1.18 30.81 12.10
CA ARG C 442 -0.22 31.57 11.30
C ARG C 442 -0.16 30.98 9.89
N TYR C 443 -0.22 29.66 9.80
CA TYR C 443 -0.17 29.00 8.51
C TYR C 443 -1.37 29.44 7.66
N PHE C 444 -2.57 29.30 8.21
CA PHE C 444 -3.77 29.69 7.47
C PHE C 444 -3.79 31.15 7.07
N GLU C 445 -3.04 31.99 7.80
CA GLU C 445 -2.98 33.41 7.47
C GLU C 445 -2.14 33.59 6.21
N SER C 446 -1.13 32.74 6.04
CA SER C 446 -0.24 32.83 4.88
C SER C 446 -0.81 32.07 3.68
N PHE C 447 -1.65 31.08 3.95
CA PHE C 447 -2.26 30.28 2.90
C PHE C 447 -3.78 30.24 3.05
N PRO C 448 -4.45 31.38 2.81
CA PRO C 448 -5.91 31.51 2.92
C PRO C 448 -6.70 30.55 2.03
N GLY C 449 -6.12 30.17 0.90
CA GLY C 449 -6.79 29.25 -0.01
C GLY C 449 -6.92 27.88 0.66
N VAL C 450 -5.85 27.44 1.31
CA VAL C 450 -5.85 26.16 2.01
C VAL C 450 -6.84 26.20 3.16
N LYS C 451 -6.94 27.34 3.84
CA LYS C 451 -7.87 27.46 4.95
C LYS C 451 -9.30 27.31 4.42
N ARG C 452 -9.59 27.98 3.31
CA ARG C 452 -10.91 27.91 2.69
C ARG C 452 -11.25 26.48 2.28
N TYR C 453 -10.28 25.78 1.71
CA TYR C 453 -10.48 24.38 1.29
C TYR C 453 -10.82 23.49 2.49
N MET C 454 -10.07 23.64 3.57
CA MET C 454 -10.30 22.81 4.75
C MET C 454 -11.70 23.04 5.32
N GLU C 455 -12.16 24.28 5.30
CA GLU C 455 -13.50 24.59 5.81
C GLU C 455 -14.56 24.03 4.85
N ASN C 456 -14.36 24.28 3.56
CA ASN C 456 -15.30 23.82 2.54
C ASN C 456 -15.41 22.31 2.38
N ILE C 457 -14.29 21.60 2.50
CA ILE C 457 -14.31 20.16 2.33
C ILE C 457 -15.05 19.46 3.47
N VAL C 458 -14.95 20.01 4.68
CA VAL C 458 -15.63 19.43 5.83
C VAL C 458 -17.13 19.65 5.65
N GLN C 459 -17.50 20.82 5.15
CA GLN C 459 -18.91 21.15 4.92
C GLN C 459 -19.47 20.23 3.83
N GLU C 460 -18.68 19.98 2.79
CA GLU C 460 -19.08 19.11 1.69
C GLU C 460 -19.30 17.67 2.17
N ALA C 461 -18.41 17.19 3.03
CA ALA C 461 -18.49 15.83 3.56
C ALA C 461 -19.78 15.66 4.35
N LYS C 462 -20.16 16.70 5.09
CA LYS C 462 -21.37 16.63 5.89
C LYS C 462 -22.62 16.64 5.00
N GLN C 463 -22.59 17.48 3.96
CA GLN C 463 -23.71 17.60 3.04
C GLN C 463 -23.94 16.37 2.17
N LYS C 464 -22.88 15.91 1.52
CA LYS C 464 -22.96 14.75 0.63
C LYS C 464 -22.83 13.40 1.32
N GLY C 465 -22.07 13.35 2.41
CA GLY C 465 -21.86 12.11 3.13
C GLY C 465 -20.53 11.45 2.80
N TYR C 466 -19.78 12.05 1.88
CA TYR C 466 -18.50 11.51 1.44
C TYR C 466 -17.65 12.58 0.74
N VAL C 467 -16.36 12.27 0.54
CA VAL C 467 -15.45 13.16 -0.18
C VAL C 467 -14.90 12.36 -1.37
N THR C 468 -14.36 13.05 -2.37
CA THR C 468 -13.86 12.40 -3.57
C THR C 468 -12.46 12.88 -3.97
N THR C 469 -11.78 12.07 -4.78
CA THR C 469 -10.44 12.41 -5.27
C THR C 469 -10.51 12.89 -6.71
N LEU C 470 -9.36 13.23 -7.26
CA LEU C 470 -9.25 13.71 -8.64
C LEU C 470 -9.89 12.76 -9.66
N LEU C 471 -9.70 11.46 -9.50
CA LEU C 471 -10.25 10.50 -10.43
C LEU C 471 -11.56 9.84 -9.95
N HIS C 472 -12.22 10.50 -9.02
CA HIS C 472 -13.51 10.07 -8.49
C HIS C 472 -13.56 8.91 -7.52
N ARG C 473 -12.44 8.66 -6.85
CA ARG C 473 -12.41 7.62 -5.82
C ARG C 473 -13.26 8.27 -4.71
N ARG C 474 -13.94 7.46 -3.91
CA ARG C 474 -14.83 7.98 -2.87
C ARG C 474 -14.58 7.39 -1.49
N ARG C 475 -14.91 8.16 -0.45
CA ARG C 475 -14.76 7.69 0.92
C ARG C 475 -15.90 8.29 1.75
N TYR C 476 -16.77 7.43 2.27
CA TYR C 476 -17.91 7.86 3.08
C TYR C 476 -17.43 8.18 4.49
N LEU C 477 -17.98 9.24 5.08
CA LEU C 477 -17.60 9.66 6.42
C LEU C 477 -18.82 9.85 7.31
N PRO C 478 -19.50 8.76 7.67
CA PRO C 478 -20.70 8.85 8.50
C PRO C 478 -20.47 9.50 9.87
N ASP C 479 -19.24 9.42 10.38
CA ASP C 479 -18.90 9.99 11.69
C ASP C 479 -18.76 11.51 11.69
N ILE C 480 -18.86 12.12 10.51
CA ILE C 480 -18.74 13.57 10.41
C ILE C 480 -19.82 14.30 11.22
N THR C 481 -20.94 13.63 11.47
CA THR C 481 -22.04 14.24 12.23
C THR C 481 -22.11 13.76 13.68
N SER C 482 -21.10 13.02 14.11
CA SER C 482 -21.06 12.49 15.47
C SER C 482 -21.02 13.56 16.56
N ARG C 483 -21.76 13.34 17.65
CA ARG C 483 -21.76 14.29 18.74
C ARG C 483 -20.62 14.03 19.71
N ASN C 484 -19.73 13.10 19.36
CA ASN C 484 -18.57 12.80 20.17
C ASN C 484 -17.43 13.57 19.52
N PHE C 485 -16.85 14.51 20.26
CA PHE C 485 -15.79 15.36 19.73
C PHE C 485 -14.63 14.62 19.04
N ASN C 486 -14.03 13.65 19.72
CA ASN C 486 -12.90 12.92 19.15
C ASN C 486 -13.28 12.12 17.90
N VAL C 487 -14.46 11.50 17.92
CA VAL C 487 -14.91 10.71 16.78
C VAL C 487 -15.19 11.64 15.59
N ARG C 488 -15.84 12.77 15.86
CA ARG C 488 -16.16 13.72 14.80
C ARG C 488 -14.89 14.35 14.23
N SER C 489 -13.97 14.73 15.11
CA SER C 489 -12.72 15.35 14.69
C SER C 489 -11.90 14.45 13.78
N PHE C 490 -11.86 13.15 14.06
CA PHE C 490 -11.10 12.23 13.22
C PHE C 490 -11.72 12.20 11.82
N ALA C 491 -13.05 12.18 11.76
CA ALA C 491 -13.75 12.16 10.48
C ALA C 491 -13.45 13.44 9.70
N GLU C 492 -13.33 14.55 10.42
CA GLU C 492 -13.04 15.84 9.78
C GLU C 492 -11.62 15.82 9.21
N ARG C 493 -10.69 15.19 9.93
CA ARG C 493 -9.32 15.11 9.43
C ARG C 493 -9.27 14.22 8.19
N MET C 494 -10.12 13.19 8.16
CA MET C 494 -10.20 12.28 7.01
C MET C 494 -10.79 13.03 5.81
N ALA C 495 -11.75 13.92 6.07
CA ALA C 495 -12.35 14.67 4.99
C ALA C 495 -11.32 15.58 4.35
N MET C 496 -10.45 16.15 5.19
CA MET C 496 -9.41 17.03 4.70
C MET C 496 -8.27 16.29 3.99
N ASN C 497 -7.86 15.16 4.56
CA ASN C 497 -6.73 14.40 4.04
C ASN C 497 -6.96 13.43 2.88
N THR C 498 -8.14 12.82 2.81
CA THR C 498 -8.38 11.86 1.74
C THR C 498 -8.28 12.41 0.32
N PRO C 499 -8.84 13.60 0.03
CA PRO C 499 -8.72 14.11 -1.33
C PRO C 499 -7.25 14.36 -1.71
N ILE C 500 -6.41 14.63 -0.71
CA ILE C 500 -4.99 14.88 -0.97
C ILE C 500 -4.23 13.57 -1.19
N GLN C 501 -4.23 12.71 -0.18
N GLN C 501 -4.24 12.71 -0.18
CA GLN C 501 -3.53 11.42 -0.27
CA GLN C 501 -3.55 11.42 -0.27
C GLN C 501 -4.15 10.54 -1.37
C GLN C 501 -4.15 10.56 -1.37
N GLY C 502 -5.47 10.60 -1.49
CA GLY C 502 -6.16 9.80 -2.51
C GLY C 502 -5.87 10.27 -3.93
N SER C 503 -5.82 11.58 -4.15
CA SER C 503 -5.53 12.06 -5.50
C SER C 503 -4.08 11.71 -5.87
N ALA C 504 -3.19 11.74 -4.89
CA ALA C 504 -1.80 11.38 -5.13
C ALA C 504 -1.74 9.91 -5.53
N ALA C 505 -2.61 9.09 -4.92
CA ALA C 505 -2.66 7.65 -5.22
C ALA C 505 -3.16 7.45 -6.64
N ASP C 506 -4.19 8.22 -7.03
CA ASP C 506 -4.75 8.15 -8.38
C ASP C 506 -3.66 8.45 -9.42
N ILE C 507 -2.92 9.53 -9.18
CA ILE C 507 -1.87 9.95 -10.09
C ILE C 507 -0.77 8.92 -10.32
N ILE C 508 -0.23 8.34 -9.25
CA ILE C 508 0.84 7.38 -9.44
C ILE C 508 0.31 6.11 -10.11
N LYS C 509 -0.94 5.75 -9.84
CA LYS C 509 -1.52 4.56 -10.48
C LYS C 509 -1.63 4.79 -11.99
N LYS C 510 -2.07 5.98 -12.39
CA LYS C 510 -2.18 6.29 -13.81
C LYS C 510 -0.78 6.34 -14.43
N ALA C 511 0.18 6.86 -13.68
CA ALA C 511 1.55 6.94 -14.18
C ALA C 511 2.08 5.54 -14.47
N MET C 512 1.74 4.57 -13.62
CA MET C 512 2.20 3.20 -13.81
C MET C 512 1.65 2.62 -15.10
N ILE C 513 0.38 2.90 -15.37
CA ILE C 513 -0.26 2.42 -16.58
C ILE C 513 0.37 3.09 -17.81
N ASP C 514 0.55 4.41 -17.75
CA ASP C 514 1.14 5.15 -18.86
C ASP C 514 2.58 4.69 -19.13
N LEU C 515 3.33 4.44 -18.07
CA LEU C 515 4.71 3.99 -18.19
C LEU C 515 4.83 2.61 -18.83
N ASN C 516 3.99 1.67 -18.38
CA ASN C 516 4.00 0.33 -18.93
C ASN C 516 3.74 0.37 -20.44
N ALA C 517 2.82 1.24 -20.88
CA ALA C 517 2.52 1.35 -22.30
C ALA C 517 3.68 1.97 -23.08
N ARG C 518 4.33 2.97 -22.51
CA ARG C 518 5.45 3.62 -23.15
C ARG C 518 6.66 2.67 -23.27
N LEU C 519 6.91 1.89 -22.24
CA LEU C 519 8.04 0.95 -22.26
C LEU C 519 7.85 -0.07 -23.38
N LYS C 520 6.61 -0.46 -23.62
CA LYS C 520 6.29 -1.44 -24.66
C LYS C 520 6.46 -0.81 -26.06
N GLU C 521 5.94 0.40 -26.24
CA GLU C 521 6.05 1.09 -27.53
C GLU C 521 7.52 1.30 -27.90
N GLU C 522 8.34 1.59 -26.88
CA GLU C 522 9.77 1.84 -27.06
C GLU C 522 10.60 0.56 -27.18
N ARG C 523 9.96 -0.59 -26.97
CA ARG C 523 10.62 -1.88 -27.06
C ARG C 523 11.75 -2.02 -26.01
N LEU C 524 11.57 -1.40 -24.84
CA LEU C 524 12.60 -1.48 -23.80
C LEU C 524 12.38 -2.73 -22.96
N GLN C 525 13.48 -3.29 -22.44
CA GLN C 525 13.42 -4.48 -21.61
C GLN C 525 13.13 -4.11 -20.15
N ALA C 526 13.31 -2.83 -19.83
CA ALA C 526 13.08 -2.34 -18.48
C ALA C 526 11.66 -2.68 -18.04
N HIS C 527 11.50 -2.96 -16.76
CA HIS C 527 10.18 -3.24 -16.22
C HIS C 527 10.05 -2.85 -14.75
N LEU C 528 8.81 -2.62 -14.34
CA LEU C 528 8.50 -2.23 -12.97
C LEU C 528 8.72 -3.37 -12.00
N LEU C 529 9.23 -3.04 -10.81
CA LEU C 529 9.44 -4.03 -9.77
C LEU C 529 8.56 -3.72 -8.56
N LEU C 530 8.62 -2.47 -8.10
CA LEU C 530 7.87 -2.04 -6.93
C LEU C 530 7.32 -0.62 -7.01
N GLN C 531 6.36 -0.34 -6.14
CA GLN C 531 5.78 0.99 -6.01
C GLN C 531 5.75 1.22 -4.51
N VAL C 532 6.18 2.40 -4.08
CA VAL C 532 6.19 2.76 -2.65
C VAL C 532 5.50 4.10 -2.39
N HIS C 533 4.20 4.15 -2.70
CA HIS C 533 3.37 5.33 -2.50
C HIS C 533 3.60 6.51 -3.41
N ASP C 534 4.83 7.04 -3.43
N ASP C 534 4.82 7.03 -3.46
CA ASP C 534 5.13 8.16 -4.31
CA ASP C 534 5.11 8.16 -4.35
C ASP C 534 6.36 7.89 -5.16
C ASP C 534 6.29 7.87 -5.26
N GLU C 535 6.77 6.64 -5.25
CA GLU C 535 7.91 6.27 -6.07
C GLU C 535 7.73 4.95 -6.80
N LEU C 536 8.40 4.85 -7.94
CA LEU C 536 8.38 3.65 -8.77
C LEU C 536 9.81 3.11 -8.88
N ILE C 537 9.97 1.81 -8.69
CA ILE C 537 11.29 1.18 -8.77
C ILE C 537 11.29 0.18 -9.93
N LEU C 538 12.24 0.32 -10.84
CA LEU C 538 12.36 -0.56 -12.00
C LEU C 538 13.76 -1.16 -12.07
N GLU C 539 13.93 -2.12 -12.96
CA GLU C 539 15.26 -2.71 -13.21
C GLU C 539 15.36 -2.81 -14.73
N ALA C 540 16.57 -2.68 -15.26
CA ALA C 540 16.75 -2.73 -16.70
C ALA C 540 18.21 -2.87 -17.08
N PRO C 541 18.49 -3.20 -18.35
CA PRO C 541 19.87 -3.35 -18.85
C PRO C 541 20.58 -2.03 -18.65
N LYS C 542 21.87 -2.09 -18.31
CA LYS C 542 22.63 -0.87 -18.10
C LYS C 542 22.59 0.02 -19.34
N GLU C 543 22.41 -0.61 -20.51
CA GLU C 543 22.36 0.12 -21.77
C GLU C 543 21.09 0.96 -21.95
N GLU C 544 20.12 0.80 -21.06
CA GLU C 544 18.87 1.55 -21.18
C GLU C 544 18.74 2.72 -20.18
N MET C 545 19.73 2.87 -19.29
CA MET C 545 19.65 3.94 -18.30
C MET C 545 19.48 5.33 -18.89
N GLU C 546 20.28 5.67 -19.89
CA GLU C 546 20.18 7.00 -20.47
C GLU C 546 18.77 7.28 -20.99
N ARG C 547 18.18 6.32 -21.68
CA ARG C 547 16.82 6.50 -22.18
C ARG C 547 15.81 6.62 -21.04
N LEU C 548 15.98 5.81 -20.00
CA LEU C 548 15.05 5.85 -18.87
C LEU C 548 15.11 7.18 -18.11
N CYS C 549 16.29 7.78 -18.05
CA CYS C 549 16.46 9.06 -17.36
C CYS C 549 15.57 10.15 -17.96
N ARG C 550 15.25 10.02 -19.24
CA ARG C 550 14.40 11.00 -19.89
C ARG C 550 12.95 10.55 -19.93
N LEU C 551 12.75 9.26 -20.21
CA LEU C 551 11.43 8.71 -20.34
C LEU C 551 10.59 8.58 -19.07
N VAL C 552 11.15 7.98 -18.03
CA VAL C 552 10.38 7.79 -16.81
C VAL C 552 9.88 9.08 -16.14
N PRO C 553 10.77 10.06 -15.91
CA PRO C 553 10.28 11.29 -15.27
C PRO C 553 9.22 11.99 -16.13
N GLU C 554 9.41 11.99 -17.44
CA GLU C 554 8.43 12.63 -18.32
C GLU C 554 7.05 11.99 -18.21
N VAL C 555 7.00 10.67 -18.30
CA VAL C 555 5.73 9.96 -18.19
C VAL C 555 5.06 10.23 -16.85
N MET C 556 5.83 10.22 -15.76
CA MET C 556 5.28 10.47 -14.44
C MET C 556 4.83 11.92 -14.27
N GLU C 557 5.59 12.85 -14.84
CA GLU C 557 5.24 14.26 -14.73
C GLU C 557 4.00 14.61 -15.56
N GLN C 558 3.76 13.86 -16.62
CA GLN C 558 2.62 14.12 -17.49
C GLN C 558 1.38 13.26 -17.25
N ALA C 559 1.40 12.43 -16.21
CA ALA C 559 0.28 11.54 -15.92
C ALA C 559 -1.05 12.28 -15.86
N VAL C 560 -1.04 13.44 -15.23
CA VAL C 560 -2.23 14.30 -15.13
C VAL C 560 -1.73 15.72 -15.28
N THR C 561 -2.63 16.66 -15.55
CA THR C 561 -2.23 18.06 -15.68
C THR C 561 -2.87 18.87 -14.56
N LEU C 562 -2.03 19.41 -13.68
CA LEU C 562 -2.49 20.21 -12.54
C LEU C 562 -2.18 21.69 -12.74
N ARG C 563 -2.65 22.51 -11.81
CA ARG C 563 -2.41 23.96 -11.87
C ARG C 563 -0.96 24.29 -11.55
N VAL C 564 -0.22 23.31 -11.04
CA VAL C 564 1.19 23.47 -10.73
C VAL C 564 1.91 22.30 -11.38
N PRO C 565 3.21 22.45 -11.67
CA PRO C 565 3.94 21.34 -12.30
C PRO C 565 4.13 20.19 -11.33
N LEU C 566 4.36 19.00 -11.87
CA LEU C 566 4.65 17.83 -11.05
C LEU C 566 6.15 17.68 -11.28
N LYS C 567 6.87 17.31 -10.23
CA LYS C 567 8.33 17.16 -10.31
C LYS C 567 8.73 15.78 -9.87
N VAL C 568 9.63 15.14 -10.64
CA VAL C 568 10.10 13.80 -10.35
C VAL C 568 11.62 13.74 -10.28
N ASP C 569 12.15 13.16 -9.22
CA ASP C 569 13.60 13.01 -9.09
C ASP C 569 13.91 11.55 -9.37
N TYR C 570 15.13 11.26 -9.84
CA TYR C 570 15.48 9.90 -10.18
C TYR C 570 16.95 9.58 -9.96
N HIS C 571 17.23 8.30 -9.73
CA HIS C 571 18.59 7.82 -9.48
C HIS C 571 18.67 6.36 -9.92
N TYR C 572 19.88 5.84 -10.12
CA TYR C 572 20.04 4.45 -10.52
C TYR C 572 21.39 3.94 -10.04
N GLY C 573 21.49 2.64 -9.82
CA GLY C 573 22.73 2.05 -9.35
C GLY C 573 22.72 0.53 -9.37
N SER C 574 23.77 -0.09 -8.83
CA SER C 574 23.87 -1.54 -8.82
C SER C 574 22.96 -2.24 -7.81
N THR C 575 22.47 -1.50 -6.83
CA THR C 575 21.55 -2.05 -5.83
C THR C 575 20.51 -0.98 -5.51
N TRP C 576 19.44 -1.37 -4.83
CA TRP C 576 18.40 -0.42 -4.46
C TRP C 576 19.01 0.70 -3.61
N TYR C 577 19.99 0.35 -2.80
CA TYR C 577 20.68 1.32 -1.93
C TYR C 577 21.35 2.41 -2.76
N ASP C 578 22.00 2.01 -3.84
CA ASP C 578 22.73 2.94 -4.69
C ASP C 578 21.86 3.77 -5.60
N ALA C 579 20.59 3.39 -5.74
CA ALA C 579 19.67 4.14 -6.56
C ALA C 579 19.29 5.37 -5.73
N LYS C 580 20.32 6.13 -5.35
CA LYS C 580 20.18 7.34 -4.54
C LYS C 580 21.01 8.47 -5.11
C1 GLC D . -6.11 -12.28 1.15
C2 GLC D . -5.99 -12.58 2.68
C3 GLC D . -4.97 -11.42 3.30
C4 GLC D . -3.58 -11.54 2.61
C5 GLC D . -3.71 -11.45 1.04
C6 GLC D . -2.42 -11.80 0.27
O2 GLC D . -7.26 -12.46 3.31
O3 GLC D . -4.84 -11.70 4.68
O4 GLC D . -2.74 -10.51 3.13
O5 GLC D . -4.75 -12.39 0.55
O6 GLC D . -1.80 -12.98 0.79
C1 FRU D . -9.03 -11.44 0.27
C2 FRU D . -7.71 -10.68 -0.07
C3 FRU D . -7.90 -9.18 -0.37
C4 FRU D . -6.77 -8.89 -1.36
C5 FRU D . -6.62 -10.22 -2.14
C6 FRU D . -5.18 -10.68 -2.47
O1 FRU D . -10.01 -11.36 -0.76
O2 FRU D . -6.66 -10.94 0.93
O3 FRU D . -7.82 -8.35 0.79
O4 FRU D . -7.07 -7.75 -2.17
O5 FRU D . -7.23 -11.24 -1.31
O6 FRU D . -5.24 -11.86 -3.25
C1 GLC E . 17.04 -12.26 26.03
C2 GLC E . 16.74 -10.76 25.73
C3 GLC E . 15.34 -10.74 24.84
C4 GLC E . 15.57 -11.53 23.51
C5 GLC E . 16.08 -12.99 23.80
C6 GLC E . 16.56 -13.75 22.54
O2 GLC E . 16.52 -10.04 26.94
O3 GLC E . 15.07 -9.37 24.55
O4 GLC E . 14.35 -11.52 22.78
O5 GLC E . 17.23 -12.96 24.74
O6 GLC E . 17.64 -13.08 21.89
C1 FRU E . 16.60 -12.99 29.21
C2 FRU E . 16.20 -13.79 27.94
C3 FRU E . 15.09 -14.84 28.16
C4 FRU E . 15.44 -15.92 27.14
C5 FRU E . 16.99 -15.93 27.19
C6 FRU E . 17.71 -16.30 25.88
O1 FRU E . 17.74 -13.53 29.91
O2 FRU E . 15.95 -12.89 26.80
O3 FRU E . 13.76 -14.35 27.96
O4 FRU E . 14.83 -17.16 27.48
O5 FRU E . 17.36 -14.59 27.57
O6 FRU E . 19.13 -16.22 26.08
N1 DCP F . -14.65 9.04 -14.01
C2 DCP F . -15.17 7.72 -13.96
N3 DCP F . -16.34 7.41 -14.67
C4 DCP F . -17.00 8.40 -15.43
C5 DCP F . -16.50 9.70 -15.50
C6 DCP F . -15.33 10.02 -14.79
O2 DCP F . -14.60 6.87 -13.29
N4 DCP F . -18.12 8.10 -16.09
C1' DCP F . -13.42 9.39 -13.24
C2' DCP F . -12.18 8.93 -14.02
C3' DCP F . -11.92 10.09 -14.94
C4' DCP F . -12.19 11.28 -14.04
O4' DCP F . -13.30 10.87 -13.18
O3' DCP F . -10.55 10.08 -15.34
C5' DCP F . -12.46 12.57 -14.82
O5' DCP F . -13.64 12.45 -15.61
PA DCP F . -14.08 13.62 -16.63
O1A DCP F . -15.54 13.60 -16.81
O2A DCP F . -13.45 14.90 -16.20
O3A DCP F . -13.38 13.16 -18.02
PB DCP F . -11.82 13.47 -18.40
O1B DCP F . -11.38 12.07 -18.62
O2B DCP F . -11.46 14.29 -17.22
O3B DCP F . -12.24 14.24 -19.77
PG DCP F . -12.40 15.86 -19.82
O1G DCP F . -13.41 16.22 -20.83
O2G DCP F . -12.56 16.39 -18.44
O3G DCP F . -10.94 16.34 -20.34
S SO4 G . 13.88 17.54 3.21
O1 SO4 G . 12.83 18.36 2.56
O2 SO4 G . 13.98 17.91 4.63
O3 SO4 G . 15.17 17.77 2.54
O4 SO4 G . 13.52 16.11 3.09
S SO4 H . 2.92 -0.87 -31.93
O1 SO4 H . 3.57 -2.12 -31.51
O2 SO4 H . 3.08 0.15 -30.88
O3 SO4 H . 3.55 -0.39 -33.19
O4 SO4 H . 1.49 -1.11 -32.18
S SO4 I . -31.59 -24.22 -9.92
O1 SO4 I . -30.21 -24.20 -9.42
O2 SO4 I . -32.49 -23.59 -8.94
O3 SO4 I . -31.66 -23.48 -11.20
O4 SO4 I . -32.01 -25.62 -10.14
S SO4 J . -0.60 21.44 27.23
O1 SO4 J . 0.84 21.18 27.13
O2 SO4 J . -1.28 20.93 26.02
O3 SO4 J . -1.15 20.76 28.42
O4 SO4 J . -0.83 22.89 27.34
S SO4 K . -7.82 24.51 14.00
O1 SO4 K . -7.89 23.67 12.79
O2 SO4 K . -9.03 24.27 14.82
O3 SO4 K . -6.62 24.18 14.78
O4 SO4 K . -7.78 25.94 13.60
MG MG L . 9.69 11.85 -2.51
#